data_6BTD
#
_entry.id   6BTD
#
_cell.length_a   103.724
_cell.length_b   103.724
_cell.length_c   48.817
_cell.angle_alpha   90.00
_cell.angle_beta   90.00
_cell.angle_gamma   90.00
#
_symmetry.space_group_name_H-M   'P 4 21 2'
#
loop_
_entity.id
_entity.type
_entity.pdbx_description
1 polymer 'Fuculose phosphate aldolase'
2 non-polymer 'SULFATE ION'
3 non-polymer 'MANGANESE (II) ION'
4 water water
#
_entity_poly.entity_id   1
_entity_poly.type   'polypeptide(L)'
_entity_poly.pdbx_seq_one_letter_code
;MLLQKEREEIVAYGKKMISSGLTKGTGGNISIFNREQGLVAISPSGLEYYETKPEDVVILNLDGEVIEGERKPSSELDMH
LIYYRKREDINALVHTHSPYAKTIASLGWELPAVSYLIAFAGPNVRCAPYETFGTKQLADAAFEGMIDRRAVLLANHGLI
AGANNIKMAFTVAEEIEFCAQIYYQTKSIGEPKLLPEDEMENLAKKFEGYGQQYLEHHHHHH
;
_entity_poly.pdbx_strand_id   A
#
loop_
_chem_comp.id
_chem_comp.type
_chem_comp.name
_chem_comp.formula
MN non-polymer 'MANGANESE (II) ION' 'Mn 2'
SO4 non-polymer 'SULFATE ION' 'O4 S -2'
#
# COMPACT_ATOMS: atom_id res chain seq x y z
N MET A 1 16.12 -7.02 -19.87
CA MET A 1 15.37 -7.39 -18.67
C MET A 1 13.88 -7.32 -18.90
N LEU A 2 13.14 -8.16 -18.19
CA LEU A 2 11.68 -8.11 -18.19
C LEU A 2 11.19 -6.92 -17.37
N LEU A 3 10.08 -6.34 -17.81
CA LEU A 3 9.38 -5.28 -17.05
C LEU A 3 10.31 -4.13 -16.69
N GLN A 4 11.11 -3.69 -17.67
CA GLN A 4 12.07 -2.62 -17.44
C GLN A 4 11.44 -1.34 -16.88
N LYS A 5 10.33 -0.93 -17.49
CA LYS A 5 9.66 0.30 -17.08
C LYS A 5 9.22 0.18 -15.63
N GLU A 6 8.58 -0.94 -15.33
CA GLU A 6 8.10 -1.21 -13.97
C GLU A 6 9.24 -1.20 -12.96
N ARG A 7 10.37 -1.80 -13.33
CA ARG A 7 11.54 -1.87 -12.45
C ARG A 7 12.03 -0.47 -12.11
N GLU A 8 12.09 0.39 -13.13
CA GLU A 8 12.57 1.75 -12.94
C GLU A 8 11.62 2.53 -12.04
N GLU A 9 10.31 2.32 -12.23
CA GLU A 9 9.30 2.98 -11.41
C GLU A 9 9.37 2.54 -9.94
N ILE A 10 9.59 1.25 -9.69
CA ILE A 10 9.69 0.77 -8.33
C ILE A 10 10.89 1.41 -7.61
N VAL A 11 12.00 1.55 -8.32
CA VAL A 11 13.17 2.21 -7.76
C VAL A 11 12.85 3.68 -7.43
N ALA A 12 12.24 4.37 -8.37
CA ALA A 12 11.93 5.79 -8.19
C ALA A 12 10.96 6.02 -7.04
N TYR A 13 9.90 5.21 -6.97
CA TYR A 13 8.89 5.43 -5.93
C TYR A 13 9.32 4.90 -4.56
N GLY A 14 10.28 3.98 -4.52
CA GLY A 14 10.83 3.54 -3.25
C GLY A 14 11.60 4.68 -2.60
N LYS A 15 12.35 5.41 -3.43
CA LYS A 15 13.04 6.61 -2.97
C LYS A 15 12.05 7.66 -2.50
N LYS A 16 10.95 7.81 -3.23
CA LYS A 16 9.91 8.76 -2.87
C LYS A 16 9.27 8.39 -1.53
N MET A 17 9.15 7.09 -1.25
CA MET A 17 8.53 6.61 -0.02
C MET A 17 9.35 6.97 1.22
N ILE A 18 10.65 6.69 1.17
CA ILE A 18 11.52 6.97 2.32
C ILE A 18 11.66 8.50 2.46
N SER A 19 11.71 9.22 1.34
CA SER A 19 11.88 10.67 1.37
C SER A 19 10.62 11.41 1.83
N SER A 20 9.46 10.80 1.66
CA SER A 20 8.19 11.39 2.08
C SER A 20 7.87 11.07 3.52
N GLY A 21 8.75 10.32 4.17
CA GLY A 21 8.52 9.86 5.53
C GLY A 21 7.50 8.74 5.65
N LEU A 22 7.22 8.07 4.54
CA LEU A 22 6.20 7.01 4.54
C LEU A 22 6.74 5.63 4.96
N THR A 23 8.04 5.50 5.16
CA THR A 23 8.57 4.27 5.75
C THR A 23 9.88 4.52 6.50
N LYS A 24 10.30 3.51 7.27
CA LYS A 24 11.56 3.55 8.00
C LYS A 24 12.47 2.43 7.52
N GLY A 25 13.76 2.73 7.37
CA GLY A 25 14.74 1.72 7.04
C GLY A 25 14.51 1.10 5.68
N THR A 26 14.52 -0.23 5.64
CA THR A 26 14.26 -0.98 4.40
C THR A 26 12.84 -1.54 4.38
N GLY A 27 12.06 -1.19 5.40
CA GLY A 27 10.71 -1.70 5.52
C GLY A 27 9.76 -1.09 4.51
N GLY A 28 8.60 -1.71 4.35
CA GLY A 28 7.68 -1.30 3.31
C GLY A 28 8.10 -1.94 2.00
N ASN A 29 7.24 -1.86 1.01
CA ASN A 29 7.48 -2.50 -0.28
C ASN A 29 6.47 -2.06 -1.33
N ILE A 30 6.90 -2.10 -2.58
CA ILE A 30 6.10 -1.62 -3.70
C ILE A 30 6.06 -2.69 -4.78
N SER A 31 4.90 -2.87 -5.43
CA SER A 31 4.85 -3.76 -6.59
C SER A 31 4.07 -3.11 -7.72
N ILE A 32 4.36 -3.55 -8.96
CA ILE A 32 3.62 -3.14 -10.14
C ILE A 32 3.35 -4.38 -10.99
N PHE A 33 2.11 -4.53 -11.42
CA PHE A 33 1.65 -5.69 -12.19
C PHE A 33 1.64 -5.35 -13.67
N ASN A 34 2.27 -6.19 -14.47
CA ASN A 34 2.12 -6.11 -15.92
C ASN A 34 1.01 -7.09 -16.31
N ARG A 35 -0.17 -6.53 -16.52
CA ARG A 35 -1.37 -7.31 -16.75
C ARG A 35 -1.29 -8.10 -18.06
N GLU A 36 -0.63 -7.51 -19.06
CA GLU A 36 -0.48 -8.18 -20.36
C GLU A 36 0.27 -9.50 -20.24
N GLN A 37 1.30 -9.54 -19.40
CA GLN A 37 2.13 -10.73 -19.27
C GLN A 37 1.82 -11.63 -18.08
N GLY A 38 1.07 -11.10 -17.11
CA GLY A 38 0.82 -11.84 -15.88
C GLY A 38 2.04 -11.89 -14.98
N LEU A 39 2.84 -10.83 -15.02
CA LEU A 39 4.08 -10.76 -14.25
C LEU A 39 4.05 -9.60 -13.28
N VAL A 40 4.63 -9.81 -12.09
CA VAL A 40 4.67 -8.79 -11.06
C VAL A 40 6.11 -8.36 -10.77
N ALA A 41 6.38 -7.07 -10.83
CA ALA A 41 7.67 -6.54 -10.37
C ALA A 41 7.50 -6.13 -8.91
N ILE A 42 8.45 -6.48 -8.06
CA ILE A 42 8.35 -6.13 -6.65
C ILE A 42 9.70 -5.71 -6.08
N SER A 43 9.68 -4.78 -5.13
CA SER A 43 10.92 -4.38 -4.48
C SER A 43 11.61 -5.58 -3.82
N PRO A 44 12.95 -5.57 -3.81
CA PRO A 44 13.69 -6.65 -3.17
C PRO A 44 13.65 -6.52 -1.66
N SER A 45 13.82 -7.63 -0.95
CA SER A 45 13.80 -7.62 0.51
C SER A 45 15.07 -6.99 1.10
N GLY A 46 14.88 -6.10 2.06
CA GLY A 46 15.97 -5.61 2.89
C GLY A 46 17.03 -4.74 2.25
N LEU A 47 16.77 -4.23 1.05
CA LEU A 47 17.70 -3.30 0.42
C LEU A 47 17.30 -1.86 0.71
N GLU A 48 18.30 -1.02 0.93
CA GLU A 48 18.07 0.41 1.09
C GLU A 48 17.53 0.99 -0.22
N TYR A 49 16.52 1.85 -0.12
CA TYR A 49 15.86 2.37 -1.32
C TYR A 49 16.81 3.18 -2.21
N TYR A 50 17.71 3.95 -1.60
CA TYR A 50 18.62 4.74 -2.42
C TYR A 50 19.81 3.93 -2.91
N GLU A 51 19.84 2.64 -2.57
CA GLU A 51 20.88 1.74 -3.06
C GLU A 51 20.29 0.68 -3.99
N THR A 52 19.03 0.85 -4.36
CA THR A 52 18.35 -0.12 -5.22
C THR A 52 18.40 0.29 -6.69
N LYS A 53 18.85 -0.64 -7.51
CA LYS A 53 18.92 -0.43 -8.95
C LYS A 53 17.79 -1.21 -9.62
N PRO A 54 17.40 -0.83 -10.85
CA PRO A 54 16.33 -1.56 -11.53
C PRO A 54 16.57 -3.07 -11.60
N GLU A 55 17.82 -3.49 -11.77
CA GLU A 55 18.15 -4.91 -11.84
C GLU A 55 17.93 -5.64 -10.50
N ASP A 56 17.81 -4.89 -9.42
CA ASP A 56 17.61 -5.49 -8.09
C ASP A 56 16.15 -5.83 -7.85
N VAL A 57 15.27 -5.20 -8.63
CA VAL A 57 13.84 -5.51 -8.53
C VAL A 57 13.62 -6.94 -8.99
N VAL A 58 12.67 -7.63 -8.38
CA VAL A 58 12.43 -9.04 -8.67
C VAL A 58 11.13 -9.22 -9.46
N ILE A 59 11.16 -10.08 -10.48
CA ILE A 59 9.97 -10.37 -11.27
C ILE A 59 9.37 -11.72 -10.87
N LEU A 60 8.09 -11.72 -10.48
CA LEU A 60 7.39 -12.92 -10.05
C LEU A 60 6.24 -13.26 -10.98
N ASN A 61 5.83 -14.53 -11.03
CA ASN A 61 4.54 -14.84 -11.62
C ASN A 61 3.48 -14.88 -10.52
N LEU A 62 2.23 -15.12 -10.88
CA LEU A 62 1.16 -15.01 -9.89
C LEU A 62 1.12 -16.18 -8.91
N ASP A 63 2.00 -17.16 -9.11
CA ASP A 63 2.14 -18.25 -8.15
C ASP A 63 3.24 -17.97 -7.14
N GLY A 64 3.88 -16.81 -7.26
CA GLY A 64 4.94 -16.42 -6.34
C GLY A 64 6.31 -16.97 -6.71
N GLU A 65 6.42 -17.51 -7.91
CA GLU A 65 7.70 -18.03 -8.39
C GLU A 65 8.55 -16.92 -9.00
N VAL A 66 9.85 -16.94 -8.72
CA VAL A 66 10.75 -15.95 -9.32
C VAL A 66 11.02 -16.28 -10.78
N ILE A 67 10.67 -15.35 -11.65
CA ILE A 67 10.87 -15.50 -13.09
C ILE A 67 12.21 -14.89 -13.50
N GLU A 68 12.56 -13.78 -12.87
CA GLU A 68 13.82 -13.10 -13.15
C GLU A 68 14.25 -12.28 -11.94
N GLY A 69 15.56 -12.30 -11.67
CA GLY A 69 16.11 -11.54 -10.56
C GLY A 69 16.91 -12.42 -9.61
N GLU A 70 18.03 -11.88 -9.11
CA GLU A 70 18.92 -12.63 -8.24
C GLU A 70 18.66 -12.32 -6.76
N ARG A 71 17.99 -11.20 -6.50
CA ARG A 71 17.67 -10.81 -5.14
C ARG A 71 16.47 -11.57 -4.60
N LYS A 72 16.37 -11.64 -3.28
CA LYS A 72 15.17 -12.17 -2.64
C LYS A 72 14.05 -11.14 -2.78
N PRO A 73 12.86 -11.58 -3.23
CA PRO A 73 11.75 -10.63 -3.32
C PRO A 73 11.27 -10.24 -1.92
N SER A 74 10.58 -9.10 -1.81
CA SER A 74 10.02 -8.67 -0.52
C SER A 74 9.41 -9.81 0.28
N SER A 75 9.70 -9.85 1.58
CA SER A 75 9.11 -10.84 2.47
C SER A 75 7.60 -10.70 2.59
N GLU A 76 7.05 -9.58 2.12
CA GLU A 76 5.61 -9.34 2.19
C GLU A 76 4.93 -9.62 0.83
N LEU A 77 5.61 -10.35 -0.05
CA LEU A 77 5.10 -10.53 -1.41
C LEU A 77 3.70 -11.17 -1.49
N ASP A 78 3.31 -12.00 -0.52
CA ASP A 78 2.00 -12.65 -0.58
C ASP A 78 0.88 -11.60 -0.50
N MET A 79 1.11 -10.56 0.28
CA MET A 79 0.14 -9.48 0.45
C MET A 79 0.00 -8.63 -0.82
N HIS A 80 0.99 -8.69 -1.72
CA HIS A 80 0.88 -8.03 -3.00
C HIS A 80 0.17 -8.92 -4.03
N LEU A 81 0.60 -10.18 -4.13
CA LEU A 81 0.09 -11.06 -5.18
C LEU A 81 -1.41 -11.24 -5.11
N ILE A 82 -1.97 -11.26 -3.90
CA ILE A 82 -3.40 -11.55 -3.76
C ILE A 82 -4.26 -10.53 -4.51
N TYR A 83 -3.83 -9.26 -4.56
CA TYR A 83 -4.61 -8.23 -5.25
C TYR A 83 -4.62 -8.43 -6.76
N TYR A 84 -3.51 -8.94 -7.29
CA TYR A 84 -3.39 -9.12 -8.74
C TYR A 84 -4.08 -10.40 -9.18
N ARG A 85 -4.32 -11.32 -8.25
CA ARG A 85 -5.12 -12.52 -8.53
C ARG A 85 -6.62 -12.29 -8.39
N LYS A 86 -7.02 -11.53 -7.37
CA LYS A 86 -8.42 -11.52 -6.95
C LYS A 86 -9.18 -10.22 -7.23
N ARG A 87 -8.50 -9.23 -7.80
CA ARG A 87 -9.15 -8.03 -8.36
C ARG A 87 -8.60 -7.80 -9.76
N GLU A 88 -9.24 -6.90 -10.52
CA GLU A 88 -8.73 -6.51 -11.82
C GLU A 88 -8.54 -5.00 -11.96
N ASP A 89 -8.81 -4.25 -10.88
CA ASP A 89 -8.71 -2.80 -10.93
C ASP A 89 -7.42 -2.26 -10.34
N ILE A 90 -6.60 -3.15 -9.77
CA ILE A 90 -5.34 -2.73 -9.15
C ILE A 90 -4.14 -3.23 -9.94
N ASN A 91 -3.30 -2.31 -10.40
CA ASN A 91 -2.09 -2.67 -11.13
C ASN A 91 -0.81 -2.24 -10.42
N ALA A 92 -0.95 -1.61 -9.26
CA ALA A 92 0.21 -1.20 -8.47
C ALA A 92 -0.18 -1.07 -7.01
N LEU A 93 0.77 -1.38 -6.14
CA LEU A 93 0.56 -1.34 -4.69
C LEU A 93 1.73 -0.66 -4.01
N VAL A 94 1.40 0.22 -3.07
CA VAL A 94 2.40 0.85 -2.21
C VAL A 94 2.07 0.47 -0.77
N HIS A 95 2.97 -0.28 -0.15
CA HIS A 95 2.80 -0.67 1.25
C HIS A 95 3.77 0.10 2.13
N THR A 96 3.21 0.87 3.05
CA THR A 96 3.99 1.77 3.90
C THR A 96 3.98 1.35 5.36
N HIS A 97 5.02 1.81 6.05
CA HIS A 97 5.09 1.76 7.51
C HIS A 97 5.13 3.21 7.96
N SER A 98 4.01 3.90 7.81
CA SER A 98 3.97 5.35 8.04
C SER A 98 3.28 5.64 9.38
N PRO A 99 3.73 6.68 10.09
CA PRO A 99 3.37 6.79 11.50
C PRO A 99 1.90 7.09 11.81
N TYR A 100 1.23 7.94 11.05
CA TYR A 100 -0.11 8.31 11.47
C TYR A 100 -1.10 7.20 11.08
N ALA A 101 -0.93 6.60 9.91
CA ALA A 101 -1.76 5.45 9.56
C ALA A 101 -1.54 4.29 10.54
N LYS A 102 -0.28 4.03 10.89
CA LYS A 102 0.02 2.96 11.85
C LYS A 102 -0.57 3.25 13.23
N THR A 103 -0.65 4.53 13.60
CA THR A 103 -1.23 4.91 14.88
C THR A 103 -2.70 4.54 14.94
N ILE A 104 -3.47 4.96 13.93
CA ILE A 104 -4.89 4.64 13.88
C ILE A 104 -5.08 3.11 13.81
N ALA A 105 -4.24 2.46 13.01
CA ALA A 105 -4.29 0.99 12.86
C ALA A 105 -4.03 0.27 14.18
N SER A 106 -3.12 0.81 15.00
CA SER A 106 -2.71 0.13 16.23
C SER A 106 -3.72 0.30 17.36
N LEU A 107 -4.69 1.20 17.16
CA LEU A 107 -5.86 1.28 18.02
C LEU A 107 -6.97 0.34 17.56
N GLY A 108 -6.82 -0.17 16.34
CA GLY A 108 -7.83 -1.03 15.73
C GLY A 108 -8.99 -0.25 15.16
N TRP A 109 -8.78 1.03 14.90
CA TRP A 109 -9.84 1.91 14.46
C TRP A 109 -9.94 2.05 12.94
N GLU A 110 -11.16 2.23 12.44
CA GLU A 110 -11.33 2.68 11.07
C GLU A 110 -10.91 4.15 10.96
N LEU A 111 -10.59 4.55 9.74
CA LEU A 111 -10.35 5.95 9.44
C LEU A 111 -11.60 6.48 8.73
N PRO A 112 -12.38 7.34 9.40
CA PRO A 112 -13.63 7.86 8.82
C PRO A 112 -13.38 9.09 7.94
N ALA A 113 -14.46 9.68 7.43
CA ALA A 113 -14.37 10.76 6.46
C ALA A 113 -14.05 12.11 7.09
N VAL A 114 -12.82 12.23 7.62
CA VAL A 114 -12.38 13.46 8.27
C VAL A 114 -11.93 14.51 7.25
N SER A 115 -11.73 14.06 6.01
CA SER A 115 -11.29 14.93 4.92
C SER A 115 -11.90 14.48 3.62
N TYR A 116 -12.07 15.40 2.67
CA TYR A 116 -12.51 15.02 1.34
C TYR A 116 -11.45 14.10 0.69
N LEU A 117 -10.21 14.19 1.15
CA LEU A 117 -9.14 13.34 0.59
C LEU A 117 -9.34 11.84 0.88
N ILE A 118 -10.19 11.51 1.84
CA ILE A 118 -10.53 10.12 2.12
C ILE A 118 -11.06 9.46 0.85
N ALA A 119 -11.70 10.25 -0.01
CA ALA A 119 -12.27 9.73 -1.26
C ALA A 119 -11.23 9.10 -2.20
N PHE A 120 -9.94 9.38 -2.01
CA PHE A 120 -8.90 8.68 -2.75
C PHE A 120 -8.97 7.18 -2.46
N ALA A 121 -9.43 6.82 -1.27
CA ALA A 121 -9.58 5.41 -0.91
C ALA A 121 -11.02 4.90 -1.00
N GLY A 122 -11.98 5.77 -0.72
CA GLY A 122 -13.38 5.36 -0.62
C GLY A 122 -14.11 6.20 0.40
N PRO A 123 -15.25 5.72 0.91
CA PRO A 123 -15.98 6.52 1.91
C PRO A 123 -15.34 6.45 3.29
N ASN A 124 -14.45 5.47 3.49
CA ASN A 124 -13.69 5.31 4.73
C ASN A 124 -12.56 4.35 4.43
N VAL A 125 -11.71 4.11 5.43
CA VAL A 125 -10.66 3.11 5.31
C VAL A 125 -10.78 2.17 6.50
N ARG A 126 -10.96 0.89 6.23
CA ARG A 126 -11.11 -0.10 7.28
C ARG A 126 -9.78 -0.48 7.91
N CYS A 127 -9.85 -1.09 9.08
CA CYS A 127 -8.67 -1.64 9.74
C CYS A 127 -8.77 -3.16 9.74
N ALA A 128 -7.84 -3.81 9.05
CA ALA A 128 -7.72 -5.27 9.07
C ALA A 128 -7.12 -5.73 10.40
N PRO A 129 -7.66 -6.80 10.98
CA PRO A 129 -7.10 -7.29 12.24
C PRO A 129 -5.69 -7.83 12.07
N TYR A 130 -4.92 -7.80 13.15
CA TYR A 130 -3.54 -8.24 13.13
C TYR A 130 -3.37 -9.69 12.65
N GLU A 131 -2.43 -9.87 11.72
CA GLU A 131 -1.93 -11.20 11.40
C GLU A 131 -0.42 -11.09 11.26
N THR A 132 0.28 -12.20 11.46
CA THR A 132 1.73 -12.21 11.46
C THR A 132 2.34 -11.73 10.15
N PHE A 133 3.30 -10.82 10.27
CA PHE A 133 4.16 -10.37 9.18
C PHE A 133 4.61 -11.50 8.25
N GLY A 134 4.48 -11.28 6.95
CA GLY A 134 5.06 -12.18 5.97
C GLY A 134 4.28 -13.46 5.71
N THR A 135 3.01 -13.50 6.11
CA THR A 135 2.20 -14.71 5.97
C THR A 135 1.03 -14.55 5.03
N LYS A 136 0.51 -15.68 4.57
CA LYS A 136 -0.68 -15.66 3.74
C LYS A 136 -1.91 -15.20 4.52
N GLN A 137 -1.93 -15.43 5.82
CA GLN A 137 -3.03 -14.98 6.66
C GLN A 137 -3.12 -13.44 6.62
N LEU A 138 -1.97 -12.78 6.68
CA LEU A 138 -1.97 -11.32 6.59
C LEU A 138 -2.43 -10.87 5.20
N ALA A 139 -1.99 -11.57 4.15
CA ALA A 139 -2.44 -11.26 2.80
C ALA A 139 -3.96 -11.31 2.69
N ASP A 140 -4.56 -12.38 3.20
CA ASP A 140 -6.01 -12.50 3.22
C ASP A 140 -6.68 -11.36 4.01
N ALA A 141 -6.14 -11.03 5.18
CA ALA A 141 -6.72 -9.99 6.02
C ALA A 141 -6.67 -8.64 5.32
N ALA A 142 -5.54 -8.34 4.68
CA ALA A 142 -5.38 -7.09 3.96
C ALA A 142 -6.39 -6.99 2.84
N PHE A 143 -6.42 -8.01 2.00
CA PHE A 143 -7.33 -8.01 0.87
C PHE A 143 -8.79 -7.84 1.34
N GLU A 144 -9.18 -8.61 2.34
CA GLU A 144 -10.57 -8.60 2.77
C GLU A 144 -10.93 -7.25 3.39
N GLY A 145 -9.99 -6.62 4.07
CA GLY A 145 -10.23 -5.30 4.63
C GLY A 145 -10.32 -4.20 3.59
N MET A 146 -9.79 -4.48 2.40
CA MET A 146 -9.71 -3.47 1.33
C MET A 146 -10.79 -3.65 0.25
N ILE A 147 -11.74 -4.55 0.49
CA ILE A 147 -12.79 -4.77 -0.51
C ILE A 147 -13.53 -3.46 -0.83
N ASP A 148 -13.65 -3.15 -2.12
CA ASP A 148 -14.32 -1.93 -2.59
C ASP A 148 -13.66 -0.65 -2.06
N ARG A 149 -12.35 -0.75 -1.81
CA ARG A 149 -11.54 0.41 -1.38
C ARG A 149 -10.21 0.40 -2.11
N ARG A 150 -9.49 1.53 -2.05
CA ARG A 150 -8.14 1.59 -2.59
C ARG A 150 -7.07 1.66 -1.49
N ALA A 151 -7.47 1.55 -0.24
CA ALA A 151 -6.50 1.45 0.86
C ALA A 151 -7.09 0.68 2.03
N VAL A 152 -6.22 0.14 2.87
CA VAL A 152 -6.62 -0.53 4.10
C VAL A 152 -5.54 -0.32 5.16
N LEU A 153 -5.96 -0.15 6.41
CA LEU A 153 -5.03 -0.12 7.53
C LEU A 153 -4.72 -1.53 8.00
N LEU A 154 -3.49 -1.75 8.43
CA LEU A 154 -3.06 -3.06 8.92
C LEU A 154 -2.70 -2.93 10.40
N ALA A 155 -3.53 -3.52 11.27
CA ALA A 155 -3.37 -3.35 12.71
C ALA A 155 -1.94 -3.60 13.18
N ASN A 156 -1.41 -2.65 13.94
CA ASN A 156 -0.07 -2.76 14.53
C ASN A 156 1.04 -2.94 13.49
N HIS A 157 0.81 -2.38 12.30
CA HIS A 157 1.74 -2.62 11.18
C HIS A 157 1.85 -1.45 10.21
N GLY A 158 0.76 -1.01 9.58
CA GLY A 158 0.91 0.06 8.61
C GLY A 158 -0.29 0.19 7.71
N LEU A 159 -0.04 0.36 6.41
CA LEU A 159 -1.09 0.65 5.43
C LEU A 159 -0.70 0.04 4.09
N ILE A 160 -1.69 -0.39 3.31
CA ILE A 160 -1.40 -0.66 1.90
C ILE A 160 -2.43 0.07 1.04
N ALA A 161 -1.96 0.61 -0.07
CA ALA A 161 -2.80 1.34 -1.03
C ALA A 161 -2.58 0.79 -2.42
N GLY A 162 -3.65 0.73 -3.22
CA GLY A 162 -3.55 0.23 -4.58
C GLY A 162 -4.36 1.10 -5.53
N ALA A 163 -3.98 1.08 -6.81
CA ALA A 163 -4.71 1.83 -7.81
C ALA A 163 -4.38 1.32 -9.21
N ASN A 164 -4.89 2.00 -10.23
CA ASN A 164 -4.71 1.55 -11.61
C ASN A 164 -3.29 1.73 -12.13
N ASN A 165 -2.52 2.61 -11.50
CA ASN A 165 -1.12 2.80 -11.87
C ASN A 165 -0.32 3.22 -10.64
N ILE A 166 1.00 3.24 -10.77
CA ILE A 166 1.87 3.47 -9.61
C ILE A 166 1.76 4.91 -9.10
N LYS A 167 1.59 5.88 -10.00
CA LYS A 167 1.46 7.26 -9.56
C LYS A 167 0.24 7.42 -8.66
N MET A 168 -0.88 6.82 -9.04
CA MET A 168 -2.09 6.91 -8.24
C MET A 168 -2.00 6.10 -6.96
N ALA A 169 -1.34 4.95 -7.02
CA ALA A 169 -1.19 4.14 -5.80
C ALA A 169 -0.37 4.89 -4.75
N PHE A 170 0.69 5.56 -5.20
CA PHE A 170 1.49 6.35 -4.27
C PHE A 170 0.68 7.51 -3.72
N THR A 171 -0.09 8.16 -4.59
CA THR A 171 -0.94 9.28 -4.19
C THR A 171 -1.91 8.86 -3.10
N VAL A 172 -2.56 7.71 -3.30
CA VAL A 172 -3.48 7.21 -2.29
C VAL A 172 -2.75 6.95 -0.95
N ALA A 173 -1.58 6.31 -0.99
CA ALA A 173 -0.83 6.06 0.24
C ALA A 173 -0.47 7.37 0.96
N GLU A 174 0.00 8.36 0.21
CA GLU A 174 0.42 9.61 0.83
C GLU A 174 -0.78 10.40 1.35
N GLU A 175 -1.85 10.48 0.58
CA GLU A 175 -2.99 11.27 1.02
C GLU A 175 -3.72 10.60 2.17
N ILE A 176 -3.76 9.27 2.21
CA ILE A 176 -4.43 8.60 3.33
C ILE A 176 -3.57 8.69 4.61
N GLU A 177 -2.25 8.64 4.49
CA GLU A 177 -1.39 8.93 5.64
C GLU A 177 -1.66 10.34 6.18
N PHE A 178 -1.84 11.30 5.27
CA PHE A 178 -2.16 12.67 5.67
C PHE A 178 -3.51 12.72 6.38
N CYS A 179 -4.51 12.03 5.84
CA CYS A 179 -5.82 11.97 6.49
C CYS A 179 -5.71 11.36 7.88
N ALA A 180 -4.90 10.33 8.02
CA ALA A 180 -4.68 9.72 9.32
C ALA A 180 -4.04 10.70 10.30
N GLN A 181 -3.15 11.56 9.80
CA GLN A 181 -2.56 12.59 10.66
C GLN A 181 -3.63 13.54 11.17
N ILE A 182 -4.53 13.97 10.29
CA ILE A 182 -5.62 14.86 10.69
C ILE A 182 -6.53 14.18 11.70
N TYR A 183 -6.85 12.91 11.48
CA TYR A 183 -7.73 12.19 12.41
C TYR A 183 -7.07 12.05 13.78
N TYR A 184 -5.81 11.63 13.81
CA TYR A 184 -5.07 11.54 15.07
C TYR A 184 -5.03 12.90 15.78
N GLN A 185 -4.69 13.96 15.07
CA GLN A 185 -4.54 15.27 15.72
C GLN A 185 -5.87 15.85 16.20
N THR A 186 -6.92 15.74 15.40
CA THR A 186 -8.22 16.20 15.86
C THR A 186 -8.71 15.42 17.07
N LYS A 187 -8.53 14.10 17.06
CA LYS A 187 -9.00 13.27 18.16
C LYS A 187 -8.23 13.54 19.45
N SER A 188 -7.04 14.12 19.31
CA SER A 188 -6.22 14.50 20.45
C SER A 188 -6.82 15.66 21.24
N ILE A 189 -7.62 16.48 20.59
CA ILE A 189 -8.12 17.69 21.27
C ILE A 189 -9.64 17.89 21.21
N GLY A 190 -10.34 17.06 20.45
CA GLY A 190 -11.78 17.21 20.33
C GLY A 190 -12.42 16.12 19.50
N GLU A 191 -13.58 16.42 18.92
CA GLU A 191 -14.25 15.48 18.05
C GLU A 191 -14.36 16.07 16.65
N PRO A 192 -13.68 15.45 15.69
CA PRO A 192 -13.71 16.02 14.34
C PRO A 192 -15.09 15.96 13.71
N LYS A 193 -15.38 16.96 12.87
CA LYS A 193 -16.53 16.91 11.99
C LYS A 193 -16.24 15.94 10.86
N LEU A 194 -17.23 15.11 10.52
CA LEU A 194 -17.06 14.14 9.44
C LEU A 194 -17.98 14.47 8.26
N LEU A 195 -17.52 14.12 7.06
CA LEU A 195 -18.33 14.30 5.85
C LEU A 195 -19.39 13.21 5.74
N PRO A 196 -20.59 13.57 5.27
CA PRO A 196 -21.67 12.58 5.13
C PRO A 196 -21.42 11.59 4.00
N GLU A 197 -22.09 10.45 4.04
CA GLU A 197 -21.87 9.38 3.08
C GLU A 197 -22.19 9.81 1.65
N ASP A 198 -23.26 10.60 1.48
CA ASP A 198 -23.66 11.00 0.14
C ASP A 198 -22.66 11.99 -0.46
N GLU A 199 -22.00 12.77 0.40
CA GLU A 199 -20.94 13.66 -0.09
C GLU A 199 -19.73 12.83 -0.51
N MET A 200 -19.43 11.77 0.25
CA MET A 200 -18.32 10.90 -0.09
C MET A 200 -18.58 10.17 -1.41
N GLU A 201 -19.85 9.92 -1.70
CA GLU A 201 -20.25 9.35 -2.99
C GLU A 201 -20.11 10.42 -4.07
N ASN A 202 -20.60 11.62 -3.76
CA ASN A 202 -20.44 12.79 -4.62
C ASN A 202 -18.98 13.01 -5.03
N LEU A 203 -18.06 12.84 -4.08
N LEU A 203 -18.06 12.88 -4.07
CA LEU A 203 -16.63 12.98 -4.34
CA LEU A 203 -16.64 13.11 -4.34
C LEU A 203 -16.08 11.78 -5.10
C LEU A 203 -16.03 11.97 -5.15
S SO4 B . 10.87 -6.34 2.90
O1 SO4 B . 11.26 -7.75 2.83
O2 SO4 B . 12.05 -5.47 2.91
O3 SO4 B . 10.00 -5.93 1.80
O4 SO4 B . 10.15 -6.16 4.17
MN MN C . 4.96 -4.17 6.25
#